data_8EM5
#
_entry.id   8EM5
#
_cell.length_a   50.284
_cell.length_b   85.257
_cell.length_c   89.124
_cell.angle_alpha   90.000
_cell.angle_beta   95.190
_cell.angle_gamma   90.000
#
_symmetry.space_group_name_H-M   'P 1 21 1'
#
loop_
_entity.id
_entity.type
_entity.pdbx_description
1 polymer MmpS5
2 non-polymer 'DODECAETHYLENE GLYCOL'
3 non-polymer GLYCEROL
4 non-polymer 'PENTAETHYLENE GLYCOL'
5 non-polymer 'IODIDE ION'
6 water water
#
_entity_poly.entity_id   1
_entity_poly.type   'polypeptide(L)'
_entity_poly.pdbx_seq_one_letter_code
;GPLGSDDPEPFDPKVVTYEIFGTPGAVVDINYLDLDARTQRVNDVTLPWSITLSTTAPSALAHIVAQGNADHIGCRIIVD
GELRVESVSTGVNAQTYCIEKSA
;
_entity_poly.pdbx_strand_id   A,B,C,D,E,F
#
# COMPACT_ATOMS: atom_id res chain seq x y z
N ASP A 12 -36.29 5.57 12.37
CA ASP A 12 -35.96 4.61 11.31
C ASP A 12 -34.47 4.59 10.95
N PRO A 13 -33.97 3.43 10.52
CA PRO A 13 -32.55 3.33 10.15
C PRO A 13 -32.15 4.28 9.03
N LYS A 14 -30.88 4.66 9.06
CA LYS A 14 -30.23 5.39 7.98
C LYS A 14 -29.90 4.40 6.87
N VAL A 15 -30.32 4.69 5.65
CA VAL A 15 -30.08 3.81 4.51
C VAL A 15 -29.04 4.46 3.61
N VAL A 16 -27.95 3.75 3.36
CA VAL A 16 -26.85 4.26 2.53
C VAL A 16 -26.70 3.36 1.31
N THR A 17 -26.72 3.96 0.13
CA THR A 17 -26.55 3.24 -1.13
C THR A 17 -25.32 3.73 -1.87
N TYR A 18 -24.45 2.81 -2.23
CA TYR A 18 -23.32 3.08 -3.13
C TYR A 18 -23.72 2.69 -4.53
N GLU A 19 -23.45 3.56 -5.50
CA GLU A 19 -23.61 3.22 -6.93
C GLU A 19 -22.27 3.31 -7.63
N ILE A 20 -21.97 2.34 -8.50
CA ILE A 20 -20.86 2.43 -9.45
C ILE A 20 -21.44 2.19 -10.84
N PHE A 21 -21.05 3.02 -11.80
CA PHE A 21 -21.69 3.10 -13.10
C PHE A 21 -20.71 3.67 -14.11
N GLY A 22 -21.12 3.69 -15.39
CA GLY A 22 -20.34 4.44 -16.36
C GLY A 22 -20.18 3.78 -17.72
N THR A 23 -19.89 2.48 -17.71
CA THR A 23 -19.66 1.70 -18.93
C THR A 23 -20.42 0.39 -18.77
N PRO A 24 -21.59 0.26 -19.40
CA PRO A 24 -22.40 -0.94 -19.15
C PRO A 24 -21.63 -2.18 -19.56
N GLY A 25 -21.61 -3.17 -18.67
CA GLY A 25 -20.89 -4.40 -18.97
C GLY A 25 -19.43 -4.39 -18.61
N ALA A 26 -18.86 -3.26 -18.23
CA ALA A 26 -17.48 -3.30 -17.74
C ALA A 26 -17.45 -4.13 -16.45
N VAL A 27 -16.27 -4.68 -16.18
CA VAL A 27 -16.00 -5.50 -14.99
C VAL A 27 -15.00 -4.74 -14.12
N VAL A 28 -15.32 -4.55 -12.84
CA VAL A 28 -14.49 -3.75 -11.95
C VAL A 28 -14.33 -4.49 -10.63
N ASP A 29 -13.33 -4.07 -9.85
CA ASP A 29 -13.24 -4.49 -8.46
C ASP A 29 -13.51 -3.28 -7.56
N ILE A 30 -14.02 -3.56 -6.35
CA ILE A 30 -14.55 -2.51 -5.47
C ILE A 30 -14.07 -2.74 -4.04
N ASN A 31 -13.76 -1.64 -3.34
CA ASN A 31 -13.66 -1.63 -1.88
C ASN A 31 -14.64 -0.58 -1.40
N TYR A 32 -15.49 -0.94 -0.44
CA TYR A 32 -16.42 0.03 0.14
C TYR A 32 -16.45 -0.15 1.64
N LEU A 33 -16.80 0.93 2.34
CA LEU A 33 -16.91 0.90 3.78
C LEU A 33 -18.33 0.51 4.19
N ASP A 34 -18.48 -0.54 5.00
CA ASP A 34 -19.83 -0.82 5.50
C ASP A 34 -20.11 0.08 6.69
N LEU A 35 -21.31 -0.02 7.24
CA LEU A 35 -21.74 0.90 8.28
C LEU A 35 -21.32 0.43 9.68
N ASP A 36 -20.58 -0.67 9.78
CA ASP A 36 -19.75 -0.98 10.94
C ASP A 36 -18.32 -0.45 10.80
N ALA A 37 -18.09 0.44 9.84
CA ALA A 37 -16.76 0.96 9.52
C ALA A 37 -15.78 -0.15 9.17
N ARG A 38 -16.25 -1.19 8.51
CA ARG A 38 -15.40 -2.28 8.05
C ARG A 38 -15.30 -2.26 6.53
N THR A 39 -14.08 -2.36 6.01
CA THR A 39 -13.88 -2.34 4.58
C THR A 39 -14.20 -3.68 3.95
N GLN A 40 -15.04 -3.65 2.92
CA GLN A 40 -15.41 -4.85 2.19
C GLN A 40 -14.74 -4.82 0.81
N ARG A 41 -14.54 -6.01 0.25
CA ARG A 41 -13.90 -6.19 -1.05
C ARG A 41 -14.86 -7.00 -1.91
N VAL A 42 -15.19 -6.48 -3.10
CA VAL A 42 -15.91 -7.25 -4.13
C VAL A 42 -15.11 -7.22 -5.42
N ASN A 43 -14.84 -8.40 -5.98
CA ASN A 43 -14.06 -8.55 -7.21
C ASN A 43 -14.96 -8.93 -8.38
N ASP A 44 -14.58 -8.44 -9.58
CA ASP A 44 -15.16 -8.90 -10.85
C ASP A 44 -16.68 -8.68 -10.90
N VAL A 45 -17.06 -7.46 -10.61
CA VAL A 45 -18.44 -6.98 -10.60
C VAL A 45 -18.74 -6.32 -11.94
N THR A 46 -19.91 -6.59 -12.48
CA THR A 46 -20.33 -5.99 -13.75
C THR A 46 -21.06 -4.67 -13.53
N LEU A 47 -20.69 -3.56 -14.43
CA LEU A 47 -21.46 -2.33 -14.18
C LEU A 47 -22.79 -2.36 -14.94
N PRO A 48 -23.77 -1.58 -14.46
CA PRO A 48 -23.73 -0.78 -13.23
C PRO A 48 -24.00 -1.64 -12.00
N TRP A 49 -23.66 -1.12 -10.83
CA TRP A 49 -23.71 -1.94 -9.62
C TRP A 49 -24.09 -1.03 -8.47
N SER A 50 -24.75 -1.61 -7.48
CA SER A 50 -25.04 -0.89 -6.26
C SER A 50 -25.03 -1.85 -5.09
N ILE A 51 -24.90 -1.31 -3.88
CA ILE A 51 -25.19 -2.04 -2.66
C ILE A 51 -25.83 -1.06 -1.69
N THR A 52 -26.79 -1.54 -0.93
CA THR A 52 -27.50 -0.72 0.04
C THR A 52 -27.30 -1.30 1.44
N LEU A 53 -27.03 -0.41 2.39
CA LEU A 53 -26.72 -0.77 3.76
C LEU A 53 -27.57 0.10 4.68
N SER A 54 -27.76 -0.33 5.93
CA SER A 54 -28.48 0.52 6.87
C SER A 54 -27.87 0.40 8.26
N THR A 55 -28.10 1.44 9.05
CA THR A 55 -27.63 1.47 10.43
C THR A 55 -28.63 2.25 11.28
N THR A 56 -28.64 1.95 12.58
CA THR A 56 -29.37 2.81 13.50
C THR A 56 -28.51 3.95 14.05
N ALA A 57 -27.21 3.95 13.78
CA ALA A 57 -26.39 5.10 14.16
C ALA A 57 -26.84 6.33 13.39
N PRO A 58 -26.90 7.50 14.04
CA PRO A 58 -27.35 8.70 13.32
C PRO A 58 -26.32 9.27 12.37
N SER A 59 -25.04 8.91 12.51
CA SER A 59 -23.94 9.43 11.71
C SER A 59 -22.95 8.31 11.39
N ALA A 60 -22.44 8.30 10.15
CA ALA A 60 -21.53 7.24 9.71
C ALA A 60 -20.61 7.77 8.63
N LEU A 61 -19.43 7.17 8.54
CA LEU A 61 -18.51 7.41 7.44
C LEU A 61 -18.88 6.49 6.27
N ALA A 62 -18.76 6.99 5.04
CA ALA A 62 -19.04 6.18 3.86
C ALA A 62 -18.01 6.49 2.79
N HIS A 63 -17.51 5.46 2.12
CA HIS A 63 -16.61 5.70 1.01
C HIS A 63 -16.46 4.45 0.16
N ILE A 64 -16.12 4.67 -1.10
CA ILE A 64 -16.05 3.58 -2.07
C ILE A 64 -15.01 3.92 -3.12
N VAL A 65 -14.34 2.89 -3.61
CA VAL A 65 -13.36 3.04 -4.68
C VAL A 65 -13.56 1.85 -5.61
N ALA A 66 -13.52 2.11 -6.91
CA ALA A 66 -13.74 1.07 -7.90
C ALA A 66 -12.81 1.28 -9.08
N GLN A 67 -12.46 0.18 -9.72
CA GLN A 67 -11.57 0.23 -10.87
CA GLN A 67 -11.48 0.18 -10.80
C GLN A 67 -11.58 -1.12 -11.57
N GLY A 68 -11.50 -1.06 -12.90
CA GLY A 68 -11.51 -2.28 -13.67
C GLY A 68 -11.16 -2.03 -15.13
N ASN A 69 -11.95 -2.55 -16.05
CA ASN A 69 -11.66 -2.34 -17.46
C ASN A 69 -12.53 -1.27 -18.09
N ALA A 70 -13.27 -0.50 -17.30
CA ALA A 70 -14.06 0.61 -17.85
C ALA A 70 -13.16 1.79 -18.18
N ASP A 71 -13.45 2.45 -19.29
CA ASP A 71 -12.78 3.70 -19.59
C ASP A 71 -13.62 4.90 -19.16
N HIS A 72 -14.81 4.66 -18.61
CA HIS A 72 -15.67 5.73 -18.12
C HIS A 72 -16.36 5.19 -16.89
N ILE A 73 -16.13 5.79 -15.73
CA ILE A 73 -16.59 5.17 -14.50
C ILE A 73 -16.89 6.25 -13.49
N GLY A 74 -17.93 6.03 -12.67
CA GLY A 74 -18.31 7.01 -11.66
C GLY A 74 -18.93 6.35 -10.44
N CYS A 75 -19.11 7.15 -9.40
CA CYS A 75 -19.65 6.66 -8.14
C CYS A 75 -20.63 7.68 -7.58
N ARG A 76 -21.59 7.19 -6.80
CA ARG A 76 -22.45 8.08 -6.02
C ARG A 76 -22.65 7.47 -4.66
N ILE A 77 -22.86 8.33 -3.66
CA ILE A 77 -23.27 7.91 -2.33
C ILE A 77 -24.58 8.61 -2.03
N ILE A 78 -25.61 7.82 -1.76
CA ILE A 78 -26.98 8.29 -1.57
C ILE A 78 -27.41 7.89 -0.17
N VAL A 79 -27.85 8.87 0.61
CA VAL A 79 -28.20 8.63 2.00
C VAL A 79 -29.65 9.00 2.19
N ASP A 80 -30.47 8.03 2.60
CA ASP A 80 -31.92 8.20 2.73
C ASP A 80 -32.51 8.85 1.49
N GLY A 81 -32.09 8.39 0.31
CA GLY A 81 -32.58 8.94 -0.93
C GLY A 81 -31.89 10.21 -1.41
N GLU A 82 -31.05 10.84 -0.60
CA GLU A 82 -30.44 12.13 -0.93
C GLU A 82 -29.04 11.93 -1.49
N LEU A 83 -28.81 12.42 -2.71
CA LEU A 83 -27.46 12.37 -3.27
C LEU A 83 -26.52 13.22 -2.42
N ARG A 84 -25.46 12.61 -1.91
CA ARG A 84 -24.50 13.34 -1.07
C ARG A 84 -23.23 13.70 -1.82
N VAL A 85 -22.66 12.76 -2.58
CA VAL A 85 -21.44 13.04 -3.33
C VAL A 85 -21.50 12.26 -4.63
N GLU A 86 -20.87 12.82 -5.67
CA GLU A 86 -20.80 12.17 -6.97
C GLU A 86 -19.40 12.41 -7.55
N SER A 87 -18.83 11.40 -8.23
CA SER A 87 -17.59 11.59 -8.97
C SER A 87 -17.64 10.77 -10.26
N VAL A 88 -17.13 11.34 -11.35
CA VAL A 88 -17.08 10.64 -12.64
C VAL A 88 -15.69 10.81 -13.25
N SER A 89 -15.16 9.72 -13.84
CA SER A 89 -13.82 9.76 -14.41
C SER A 89 -13.82 9.17 -15.80
N THR A 90 -12.99 9.72 -16.69
CA THR A 90 -12.78 9.16 -18.03
C THR A 90 -11.29 8.91 -18.19
N GLY A 91 -10.94 7.75 -18.71
CA GLY A 91 -9.56 7.37 -18.86
C GLY A 91 -9.43 5.87 -18.92
N VAL A 92 -8.31 5.41 -19.47
CA VAL A 92 -8.10 3.99 -19.65
C VAL A 92 -8.07 3.33 -18.28
N ASN A 93 -8.93 2.33 -18.07
CA ASN A 93 -8.97 1.57 -16.81
C ASN A 93 -9.07 2.49 -15.60
N ALA A 94 -9.99 3.45 -15.69
CA ALA A 94 -10.04 4.55 -14.74
C ALA A 94 -10.53 4.09 -13.37
N GLN A 95 -10.15 4.85 -12.37
CA GLN A 95 -10.56 4.60 -10.99
C GLN A 95 -11.56 5.68 -10.60
N THR A 96 -12.48 5.33 -9.72
CA THR A 96 -13.44 6.31 -9.21
C THR A 96 -13.46 6.19 -7.69
N TYR A 97 -13.70 7.32 -7.02
CA TYR A 97 -13.62 7.37 -5.58
C TYR A 97 -14.65 8.37 -5.06
N CYS A 98 -15.43 7.95 -4.07
CA CYS A 98 -16.42 8.82 -3.43
C CYS A 98 -16.27 8.67 -1.92
N ILE A 99 -16.35 9.78 -1.19
CA ILE A 99 -16.29 9.70 0.26
C ILE A 99 -17.31 10.67 0.83
N GLU A 100 -18.09 10.22 1.81
CA GLU A 100 -19.00 11.12 2.52
C GLU A 100 -18.64 11.00 3.99
N LYS A 101 -18.05 12.06 4.54
CA LYS A 101 -17.48 11.93 5.88
C LYS A 101 -18.55 11.92 6.96
N SER A 102 -19.76 12.40 6.67
CA SER A 102 -20.84 12.41 7.65
C SER A 102 -22.16 12.03 6.97
N ALA A 103 -22.31 10.73 6.69
N ALA A 103 -22.29 10.74 6.67
CA ALA A 103 -23.54 10.18 6.13
CA ALA A 103 -23.52 10.16 6.16
C ALA A 103 -24.69 10.24 7.15
C ALA A 103 -24.57 10.13 7.27
N ASP B 12 19.11 26.36 -2.93
CA ASP B 12 19.23 25.52 -1.74
C ASP B 12 17.94 24.71 -1.46
N PRO B 13 18.09 23.45 -1.06
CA PRO B 13 16.89 22.64 -0.75
C PRO B 13 16.14 23.16 0.47
N LYS B 14 14.81 23.05 0.40
CA LYS B 14 13.96 23.30 1.55
C LYS B 14 14.12 22.17 2.56
N VAL B 15 14.38 22.51 3.82
CA VAL B 15 14.56 21.53 4.89
C VAL B 15 13.33 21.54 5.77
N VAL B 16 12.68 20.39 5.92
CA VAL B 16 11.46 20.29 6.69
C VAL B 16 11.71 19.34 7.84
N THR B 17 11.56 19.82 9.08
CA THR B 17 11.78 19.01 10.28
C THR B 17 10.48 18.84 11.05
N TYR B 18 10.11 17.59 11.33
CA TYR B 18 8.99 17.26 12.21
C TYR B 18 9.52 16.94 13.61
N GLU B 19 8.89 17.47 14.63
CA GLU B 19 9.25 17.25 16.03
C GLU B 19 8.05 16.68 16.77
N ILE B 20 8.27 15.63 17.57
CA ILE B 20 7.25 15.12 18.49
C ILE B 20 7.87 15.07 19.88
N PHE B 21 7.14 15.55 20.87
CA PHE B 21 7.71 15.73 22.20
C PHE B 21 6.59 15.65 23.23
N GLY B 22 6.94 15.84 24.50
CA GLY B 22 5.86 16.08 25.45
C GLY B 22 5.98 15.41 26.79
N THR B 23 6.36 14.13 26.79
CA THR B 23 6.49 13.28 27.98
C THR B 23 7.76 12.47 27.74
N PRO B 24 8.86 12.78 28.42
CA PRO B 24 10.13 12.12 28.09
C PRO B 24 10.00 10.63 28.35
N GLY B 25 10.52 9.81 27.42
CA GLY B 25 10.45 8.37 27.62
C GLY B 25 9.12 7.71 27.27
N ALA B 26 8.06 8.48 27.00
CA ALA B 26 6.85 7.94 26.42
C ALA B 26 7.15 7.28 25.07
N VAL B 27 6.32 6.29 24.71
CA VAL B 27 6.48 5.53 23.47
C VAL B 27 5.22 5.76 22.62
N VAL B 28 5.40 6.14 21.34
CA VAL B 28 4.30 6.54 20.47
C VAL B 28 4.46 5.90 19.11
N ASP B 29 3.35 5.87 18.36
CA ASP B 29 3.39 5.60 16.93
C ASP B 29 3.14 6.90 16.19
N ILE B 30 3.77 7.01 15.03
CA ILE B 30 3.82 8.25 14.26
C ILE B 30 3.47 7.95 12.80
N ASN B 31 2.64 8.80 12.20
CA ASN B 31 2.50 8.89 10.73
C ASN B 31 2.86 10.30 10.29
N TYR B 32 3.79 10.42 9.34
CA TYR B 32 4.17 11.71 8.81
C TYR B 32 4.16 11.67 7.29
N LEU B 33 3.88 12.82 6.69
CA LEU B 33 3.92 12.93 5.24
C LEU B 33 5.36 13.24 4.78
N ASP B 34 5.90 12.40 3.88
CA ASP B 34 7.21 12.71 3.32
C ASP B 34 7.04 13.72 2.17
N LEU B 35 8.15 14.19 1.61
CA LEU B 35 8.05 15.27 0.63
C LEU B 35 7.78 14.77 -0.78
N ASP B 36 7.54 13.46 -0.95
CA ASP B 36 6.87 12.96 -2.14
C ASP B 36 5.38 12.80 -1.90
N ALA B 37 4.88 13.32 -0.78
CA ALA B 37 3.47 13.26 -0.39
C ALA B 37 2.99 11.81 -0.20
N ARG B 38 3.86 10.96 0.35
CA ARG B 38 3.50 9.61 0.77
C ARG B 38 3.54 9.56 2.30
N THR B 39 2.50 9.01 2.92
CA THR B 39 2.52 8.88 4.37
C THR B 39 3.50 7.77 4.77
N GLN B 40 4.33 8.07 5.76
CA GLN B 40 5.32 7.16 6.30
C GLN B 40 4.92 6.86 7.74
N ARG B 41 5.14 5.62 8.16
CA ARG B 41 4.81 5.21 9.52
C ARG B 41 6.08 4.89 10.30
N VAL B 42 6.11 5.25 11.59
CA VAL B 42 7.19 4.88 12.50
C VAL B 42 6.58 4.40 13.80
N ASN B 43 6.86 3.17 14.19
CA ASN B 43 6.21 2.57 15.35
C ASN B 43 7.19 2.54 16.54
N ASP B 44 6.62 2.58 17.76
CA ASP B 44 7.39 2.40 19.01
C ASP B 44 8.60 3.34 19.07
N VAL B 45 8.32 4.61 18.88
CA VAL B 45 9.29 5.70 19.00
C VAL B 45 9.28 6.21 20.44
N THR B 46 10.47 6.38 21.03
CA THR B 46 10.60 7.00 22.34
C THR B 46 10.77 8.51 22.19
N LEU B 47 9.97 9.30 22.99
CA LEU B 47 10.01 10.75 22.92
C LEU B 47 11.23 11.30 23.69
N PRO B 48 11.80 12.43 23.22
CA PRO B 48 11.31 13.19 22.06
C PRO B 48 11.90 12.64 20.77
N TRP B 49 11.42 13.12 19.62
CA TRP B 49 11.83 12.51 18.36
C TRP B 49 11.69 13.54 17.26
N SER B 50 12.54 13.42 16.23
CA SER B 50 12.38 14.27 15.07
C SER B 50 12.78 13.50 13.83
N ILE B 51 12.33 13.98 12.69
CA ILE B 51 12.88 13.52 11.41
C ILE B 51 12.94 14.75 10.52
N THR B 52 13.95 14.76 9.65
CA THR B 52 14.18 15.89 8.76
C THR B 52 14.21 15.39 7.32
N LEU B 53 13.60 16.15 6.43
CA LEU B 53 13.48 15.80 5.03
C LEU B 53 13.81 17.02 4.21
N SER B 54 14.17 16.84 2.94
CA SER B 54 14.45 18.04 2.14
C SER B 54 13.87 17.86 0.75
N THR B 55 13.58 18.99 0.09
CA THR B 55 13.06 18.94 -1.26
C THR B 55 13.51 20.18 -2.01
N THR B 56 13.59 20.09 -3.33
CA THR B 56 13.80 21.29 -4.13
C THR B 56 12.50 21.97 -4.53
N ALA B 57 11.35 21.37 -4.22
CA ALA B 57 10.08 22.03 -4.56
C ALA B 57 9.97 23.34 -3.79
N PRO B 58 9.52 24.43 -4.44
CA PRO B 58 9.34 25.69 -3.70
C PRO B 58 8.32 25.58 -2.58
N SER B 59 7.32 24.71 -2.69
CA SER B 59 6.30 24.57 -1.67
CA SER B 59 6.27 24.57 -1.69
C SER B 59 5.94 23.10 -1.47
N ALA B 60 5.38 22.80 -0.31
CA ALA B 60 5.09 21.41 0.03
C ALA B 60 4.07 21.31 1.15
N LEU B 61 3.31 20.20 1.11
CA LEU B 61 2.40 19.85 2.19
C LEU B 61 3.16 19.05 3.25
N ALA B 62 2.97 19.40 4.50
CA ALA B 62 3.60 18.68 5.59
C ALA B 62 2.56 18.41 6.65
N HIS B 63 2.54 17.20 7.18
CA HIS B 63 1.65 16.91 8.30
C HIS B 63 2.14 15.68 9.05
N ILE B 64 1.77 15.62 10.33
CA ILE B 64 2.21 14.53 11.19
C ILE B 64 1.15 14.29 12.25
N VAL B 65 0.98 13.03 12.62
CA VAL B 65 0.12 12.64 13.74
C VAL B 65 0.89 11.65 14.60
N ALA B 66 0.73 11.77 15.92
CA ALA B 66 1.42 10.88 16.83
C ALA B 66 0.51 10.56 17.99
N GLN B 67 0.61 9.33 18.48
CA GLN B 67 -0.13 8.93 19.66
C GLN B 67 0.59 7.76 20.29
N GLY B 68 0.50 7.66 21.61
CA GLY B 68 0.97 6.45 22.27
C GLY B 68 0.51 6.44 23.71
N ASN B 69 1.43 6.24 24.64
CA ASN B 69 1.05 6.11 26.05
C ASN B 69 1.27 7.38 26.86
N ALA B 70 1.62 8.48 26.20
CA ALA B 70 1.84 9.75 26.89
C ALA B 70 0.52 10.42 27.30
N ASP B 71 0.50 11.03 28.49
CA ASP B 71 -0.55 11.95 28.93
C ASP B 71 -0.45 13.32 28.28
N HIS B 72 0.72 13.66 27.77
CA HIS B 72 1.00 14.99 27.26
C HIS B 72 1.91 14.86 26.04
N ILE B 73 1.51 15.45 24.92
CA ILE B 73 2.21 15.23 23.67
C ILE B 73 2.04 16.44 22.78
N GLY B 74 3.06 16.76 22.00
CA GLY B 74 3.02 17.90 21.12
C GLY B 74 3.79 17.64 19.85
N CYS B 75 3.54 18.50 18.86
CA CYS B 75 4.24 18.40 17.59
C CYS B 75 4.61 19.79 17.10
N ARG B 76 5.69 19.86 16.32
CA ARG B 76 6.03 21.07 15.60
C ARG B 76 6.45 20.71 14.18
N ILE B 77 6.18 21.61 13.25
CA ILE B 77 6.74 21.52 11.91
C ILE B 77 7.63 22.74 11.73
N ILE B 78 8.90 22.51 11.43
CA ILE B 78 9.91 23.56 11.30
C ILE B 78 10.48 23.51 9.89
N VAL B 79 10.45 24.64 9.18
CA VAL B 79 10.87 24.70 7.79
C VAL B 79 12.01 25.71 7.66
N ASP B 80 13.18 25.22 7.23
CA ASP B 80 14.38 26.05 7.11
C ASP B 80 14.65 26.79 8.42
N GLY B 81 14.40 26.09 9.53
CA GLY B 81 14.63 26.64 10.85
C GLY B 81 13.50 27.49 11.41
N GLU B 82 12.44 27.72 10.64
CA GLU B 82 11.39 28.64 11.07
C GLU B 82 10.21 27.82 11.53
N LEU B 83 9.77 28.05 12.76
CA LEU B 83 8.60 27.36 13.28
C LEU B 83 7.38 27.73 12.46
N ARG B 84 6.67 26.73 11.94
CA ARG B 84 5.47 26.98 11.13
C ARG B 84 4.17 26.71 11.88
N VAL B 85 4.08 25.58 12.58
CA VAL B 85 2.87 25.23 13.33
C VAL B 85 3.30 24.45 14.55
N GLU B 86 2.55 24.60 15.61
CA GLU B 86 2.78 23.88 16.85
C GLU B 86 1.45 23.47 17.44
N SER B 87 1.37 22.26 17.97
CA SER B 87 0.15 21.79 18.59
CA SER B 87 0.15 21.79 18.58
C SER B 87 0.53 20.95 19.80
N VAL B 88 -0.28 21.04 20.85
CA VAL B 88 -0.02 20.29 22.07
C VAL B 88 -1.34 19.76 22.59
N SER B 89 -1.33 18.56 23.19
CA SER B 89 -2.56 18.00 23.73
CA SER B 89 -2.55 17.97 23.72
C SER B 89 -2.29 17.30 25.06
N THR B 90 -3.26 17.37 25.95
CA THR B 90 -3.20 16.73 27.26
C THR B 90 -4.43 15.85 27.42
N GLY B 91 -4.22 14.63 27.88
CA GLY B 91 -5.30 13.66 27.95
C GLY B 91 -4.73 12.26 28.00
N VAL B 92 -5.56 11.32 28.43
CA VAL B 92 -5.09 9.95 28.57
C VAL B 92 -4.74 9.42 27.19
N ASN B 93 -3.51 8.93 27.00
CA ASN B 93 -3.06 8.40 25.72
C ASN B 93 -3.28 9.44 24.62
N ALA B 94 -2.81 10.65 24.89
CA ALA B 94 -3.13 11.79 24.05
C ALA B 94 -2.55 11.63 22.64
N GLN B 95 -3.21 12.25 21.68
CA GLN B 95 -2.71 12.25 20.31
C GLN B 95 -2.54 13.68 19.85
N THR B 96 -1.57 13.91 18.96
CA THR B 96 -1.35 15.25 18.49
C THR B 96 -1.26 15.23 16.96
N TYR B 97 -1.50 16.39 16.35
CA TYR B 97 -1.55 16.52 14.90
C TYR B 97 -1.12 17.92 14.52
N CYS B 98 -0.25 18.03 13.52
CA CYS B 98 0.25 19.29 12.97
C CYS B 98 0.13 19.24 11.44
N ILE B 99 -0.30 20.33 10.83
CA ILE B 99 -0.36 20.37 9.37
C ILE B 99 0.12 21.73 8.90
N GLU B 100 0.97 21.73 7.87
CA GLU B 100 1.43 22.96 7.26
C GLU B 100 1.22 22.79 5.76
N LYS B 101 0.24 23.51 5.23
CA LYS B 101 -0.10 23.36 3.83
C LYS B 101 0.82 24.11 2.90
N SER B 102 1.66 24.99 3.45
CA SER B 102 2.51 25.83 2.64
C SER B 102 3.93 25.83 3.19
N ALA B 103 4.51 24.64 3.28
N ALA B 103 4.52 24.64 3.33
CA ALA B 103 5.91 24.49 3.66
CA ALA B 103 5.88 24.52 3.84
C ALA B 103 6.79 24.80 2.45
C ALA B 103 6.87 25.12 2.84
N ASP C 12 11.06 15.46 -30.54
CA ASP C 12 10.16 16.55 -30.13
C ASP C 12 9.58 16.32 -28.73
N PRO C 13 9.63 17.36 -27.90
CA PRO C 13 9.22 17.21 -26.49
C PRO C 13 7.76 16.80 -26.33
N LYS C 14 7.52 16.00 -25.30
CA LYS C 14 6.17 15.65 -24.87
C LYS C 14 5.68 16.80 -24.00
N VAL C 15 4.52 17.36 -24.33
CA VAL C 15 3.99 18.51 -23.62
C VAL C 15 2.82 18.02 -22.77
N VAL C 16 2.88 18.25 -21.46
CA VAL C 16 1.89 17.74 -20.53
C VAL C 16 1.24 18.93 -19.83
N THR C 17 -0.08 19.05 -19.95
CA THR C 17 -0.82 20.15 -19.32
C THR C 17 -1.79 19.60 -18.30
N TYR C 18 -1.74 20.16 -17.08
CA TYR C 18 -2.71 19.90 -16.02
C TYR C 18 -3.70 21.04 -15.98
N GLU C 19 -5.00 20.72 -15.92
CA GLU C 19 -6.06 21.71 -15.72
C GLU C 19 -6.88 21.35 -14.49
N ILE C 20 -7.18 22.36 -13.68
CA ILE C 20 -8.15 22.24 -12.61
C ILE C 20 -9.20 23.31 -12.84
N PHE C 21 -10.45 22.94 -12.64
CA PHE C 21 -11.58 23.77 -13.02
C PHE C 21 -12.81 23.35 -12.22
N GLY C 22 -13.90 24.08 -12.42
CA GLY C 22 -15.20 23.58 -12.05
C GLY C 22 -16.10 24.64 -11.46
N THR C 23 -15.54 25.44 -10.56
CA THR C 23 -16.27 26.50 -9.88
C THR C 23 -15.48 27.78 -10.06
N PRO C 24 -15.92 28.68 -10.94
CA PRO C 24 -15.14 29.91 -11.18
C PRO C 24 -14.99 30.70 -9.89
N GLY C 25 -13.75 31.14 -9.62
CA GLY C 25 -13.46 31.93 -8.44
C GLY C 25 -13.24 31.15 -7.16
N ALA C 26 -13.53 29.86 -7.13
CA ALA C 26 -13.16 29.03 -6.00
C ALA C 26 -11.65 29.05 -5.82
N VAL C 27 -11.23 28.80 -4.58
CA VAL C 27 -9.84 28.83 -4.18
C VAL C 27 -9.47 27.44 -3.70
N VAL C 28 -8.36 26.90 -4.23
CA VAL C 28 -7.96 25.54 -3.92
C VAL C 28 -6.46 25.48 -3.68
N ASP C 29 -6.01 24.38 -3.08
CA ASP C 29 -4.61 23.98 -3.07
C ASP C 29 -4.47 22.79 -4.01
N ILE C 30 -3.28 22.64 -4.60
CA ILE C 30 -3.03 21.65 -5.64
C ILE C 30 -1.68 20.99 -5.35
N ASN C 31 -1.61 19.67 -5.47
CA ASN C 31 -0.35 18.95 -5.56
C ASN C 31 -0.28 18.30 -6.93
N TYR C 32 0.82 18.49 -7.65
CA TYR C 32 0.98 17.85 -8.96
C TYR C 32 2.38 17.29 -9.07
N LEU C 33 2.53 16.26 -9.89
CA LEU C 33 3.83 15.66 -10.15
C LEU C 33 4.49 16.35 -11.35
N ASP C 34 5.72 16.85 -11.18
CA ASP C 34 6.37 17.42 -12.35
C ASP C 34 7.04 16.28 -13.10
N LEU C 35 7.60 16.58 -14.28
CA LEU C 35 8.14 15.50 -15.10
C LEU C 35 9.55 15.07 -14.69
N ASP C 36 10.09 15.64 -13.61
CA ASP C 36 11.23 15.01 -12.96
C ASP C 36 10.78 14.05 -11.87
N ALA C 37 9.47 13.80 -11.77
CA ALA C 37 8.84 13.01 -10.70
C ALA C 37 9.00 13.65 -9.32
N ARG C 38 9.09 14.97 -9.27
CA ARG C 38 9.14 15.73 -8.03
C ARG C 38 7.76 16.31 -7.74
N THR C 39 7.30 16.14 -6.51
CA THR C 39 5.96 16.59 -6.16
C THR C 39 5.98 18.09 -5.88
N GLN C 40 5.06 18.83 -6.50
CA GLN C 40 4.99 20.27 -6.37
C GLN C 40 3.68 20.65 -5.72
N ARG C 41 3.68 21.75 -4.98
CA ARG C 41 2.47 22.23 -4.34
C ARG C 41 2.21 23.67 -4.71
N VAL C 42 0.93 24.00 -4.90
CA VAL C 42 0.51 25.37 -5.18
C VAL C 42 -0.63 25.70 -4.23
N ASN C 43 -0.56 26.85 -3.59
CA ASN C 43 -1.49 27.24 -2.55
C ASN C 43 -2.39 28.38 -3.00
N ASP C 44 -3.65 28.32 -2.57
CA ASP C 44 -4.58 29.45 -2.67
C ASP C 44 -4.72 29.90 -4.12
N VAL C 45 -5.00 28.95 -4.98
CA VAL C 45 -5.11 29.18 -6.41
C VAL C 45 -6.58 29.36 -6.76
N THR C 46 -6.88 30.37 -7.57
CA THR C 46 -8.24 30.62 -8.03
C THR C 46 -8.54 29.82 -9.30
N LEU C 47 -9.71 29.19 -9.34
CA LEU C 47 -10.02 28.41 -10.52
C LEU C 47 -10.58 29.30 -11.63
N PRO C 48 -10.32 28.95 -12.90
CA PRO C 48 -9.59 27.74 -13.31
C PRO C 48 -8.08 27.96 -13.34
N TRP C 49 -7.32 26.89 -13.51
CA TRP C 49 -5.88 26.95 -13.35
C TRP C 49 -5.25 25.86 -14.19
N SER C 50 -4.07 26.16 -14.73
CA SER C 50 -3.33 25.14 -15.42
C SER C 50 -1.85 25.39 -15.25
N ILE C 51 -1.09 24.33 -15.53
CA ILE C 51 0.35 24.44 -15.68
C ILE C 51 0.75 23.44 -16.74
N THR C 52 1.75 23.82 -17.54
CA THR C 52 2.23 23.00 -18.64
C THR C 52 3.70 22.73 -18.40
N LEU C 53 4.09 21.46 -18.59
CA LEU C 53 5.45 20.98 -18.42
C LEU C 53 5.85 20.23 -19.68
N SER C 54 7.15 20.05 -19.90
CA SER C 54 7.54 19.22 -21.04
C SER C 54 8.77 18.39 -20.70
N THR C 55 8.93 17.30 -21.45
CA THR C 55 10.05 16.39 -21.26
C THR C 55 10.47 15.82 -22.61
N THR C 56 11.73 15.39 -22.69
CA THR C 56 12.18 14.60 -23.83
C THR C 56 12.08 13.12 -23.58
N ALA C 57 11.72 12.72 -22.36
CA ALA C 57 11.49 11.30 -22.11
C ALA C 57 10.31 10.80 -22.94
N PRO C 58 10.37 9.57 -23.45
CA PRO C 58 9.23 9.04 -24.22
C PRO C 58 7.97 8.80 -23.39
N SER C 59 8.12 8.46 -22.10
CA SER C 59 6.98 8.21 -21.22
C SER C 59 7.23 8.91 -19.87
N ALA C 60 6.15 9.22 -19.18
CA ALA C 60 6.25 9.89 -17.89
C ALA C 60 4.99 9.66 -17.09
N LEU C 61 5.13 9.64 -15.77
CA LEU C 61 3.98 9.60 -14.86
C LEU C 61 3.48 11.02 -14.62
N ALA C 62 2.17 11.21 -14.73
CA ALA C 62 1.54 12.49 -14.42
C ALA C 62 0.38 12.30 -13.44
N HIS C 63 0.31 13.15 -12.42
CA HIS C 63 -0.83 13.09 -11.52
C HIS C 63 -1.00 14.40 -10.77
N ILE C 64 -2.24 14.64 -10.37
CA ILE C 64 -2.61 15.90 -9.75
C ILE C 64 -3.79 15.65 -8.83
N VAL C 65 -3.82 16.37 -7.71
CA VAL C 65 -4.94 16.35 -6.79
C VAL C 65 -5.20 17.78 -6.36
N ALA C 66 -6.47 18.13 -6.20
CA ALA C 66 -6.83 19.49 -5.82
C ALA C 66 -8.07 19.48 -4.95
N GLN C 67 -8.14 20.46 -4.05
CA GLN C 67 -9.20 20.55 -3.08
C GLN C 67 -9.18 21.95 -2.47
N GLY C 68 -10.35 22.50 -2.24
CA GLY C 68 -10.46 23.78 -1.60
C GLY C 68 -11.89 24.08 -1.16
N ASN C 69 -12.38 25.27 -1.47
CA ASN C 69 -13.72 25.64 -1.06
C ASN C 69 -14.77 25.40 -2.15
N ALA C 70 -14.38 24.77 -3.28
CA ALA C 70 -15.33 24.45 -4.34
C ALA C 70 -16.17 23.23 -3.97
N ASP C 71 -17.45 23.25 -4.35
CA ASP C 71 -18.31 22.08 -4.23
C ASP C 71 -18.47 21.33 -5.55
N HIS C 72 -17.79 21.80 -6.59
CA HIS C 72 -17.79 21.17 -7.91
C HIS C 72 -16.41 21.45 -8.51
N ILE C 73 -15.64 20.40 -8.76
CA ILE C 73 -14.24 20.56 -9.12
C ILE C 73 -13.82 19.37 -10.00
N GLY C 74 -12.92 19.64 -10.95
CA GLY C 74 -12.52 18.64 -11.91
C GLY C 74 -11.08 18.85 -12.33
N CYS C 75 -10.52 17.85 -13.01
CA CYS C 75 -9.14 17.89 -13.46
C CYS C 75 -9.02 17.26 -14.83
N ARG C 76 -8.03 17.72 -15.59
CA ARG C 76 -7.71 17.08 -16.85
C ARG C 76 -6.21 16.99 -16.99
N ILE C 77 -5.76 15.92 -17.63
CA ILE C 77 -4.38 15.80 -18.04
C ILE C 77 -4.38 15.69 -19.55
N ILE C 78 -3.72 16.64 -20.20
CA ILE C 78 -3.71 16.78 -21.66
C ILE C 78 -2.28 16.59 -22.10
N VAL C 79 -2.06 15.67 -23.02
CA VAL C 79 -0.72 15.32 -23.47
C VAL C 79 -0.61 15.55 -24.97
N ASP C 80 0.28 16.48 -25.36
CA ASP C 80 0.43 16.91 -26.75
C ASP C 80 -0.91 17.25 -27.37
N GLY C 81 -1.72 18.03 -26.65
CA GLY C 81 -3.02 18.46 -27.13
C GLY C 81 -4.12 17.42 -27.03
N GLU C 82 -3.83 16.23 -26.53
CA GLU C 82 -4.79 15.14 -26.53
C GLU C 82 -5.23 14.87 -25.09
N LEU C 83 -6.53 14.96 -24.85
CA LEU C 83 -7.08 14.64 -23.54
C LEU C 83 -6.82 13.19 -23.22
N ARG C 84 -6.20 12.92 -22.07
CA ARG C 84 -5.86 11.57 -21.63
C ARG C 84 -6.74 11.10 -20.50
N VAL C 85 -6.97 11.95 -19.49
CA VAL C 85 -7.81 11.64 -18.34
C VAL C 85 -8.55 12.90 -17.92
N GLU C 86 -9.75 12.68 -17.41
CA GLU C 86 -10.60 13.74 -16.88
C GLU C 86 -11.37 13.19 -15.69
N SER C 87 -11.58 14.03 -14.67
CA SER C 87 -12.37 13.59 -13.53
C SER C 87 -13.09 14.80 -12.97
N VAL C 88 -14.34 14.61 -12.57
CA VAL C 88 -15.15 15.69 -12.00
C VAL C 88 -15.83 15.17 -10.73
N SER C 89 -15.89 16.01 -9.70
CA SER C 89 -16.48 15.64 -8.42
C SER C 89 -17.41 16.74 -7.93
N THR C 90 -18.50 16.31 -7.31
CA THR C 90 -19.48 17.20 -6.72
C THR C 90 -19.68 16.80 -5.26
N GLY C 91 -19.61 17.77 -4.37
CA GLY C 91 -19.73 17.50 -2.95
C GLY C 91 -19.10 18.63 -2.17
N VAL C 92 -19.45 18.68 -0.88
CA VAL C 92 -18.93 19.77 -0.06
C VAL C 92 -17.40 19.66 0.00
N ASN C 93 -16.72 20.78 -0.33
CA ASN C 93 -15.26 20.87 -0.37
C ASN C 93 -14.65 19.69 -1.12
N ALA C 94 -15.11 19.48 -2.34
CA ALA C 94 -14.80 18.25 -3.06
C ALA C 94 -13.32 18.18 -3.42
N GLN C 95 -12.83 16.96 -3.48
CA GLN C 95 -11.49 16.67 -3.95
C GLN C 95 -11.58 16.11 -5.37
N THR C 96 -10.62 16.46 -6.21
CA THR C 96 -10.52 15.87 -7.56
C THR C 96 -9.10 15.34 -7.72
N TYR C 97 -8.95 14.27 -8.49
CA TYR C 97 -7.61 13.79 -8.77
C TYR C 97 -7.61 13.06 -10.12
N CYS C 98 -6.50 13.19 -10.83
CA CYS C 98 -6.30 12.63 -12.16
C CYS C 98 -4.93 11.97 -12.17
N ILE C 99 -4.83 10.80 -12.78
CA ILE C 99 -3.55 10.11 -12.91
CA ILE C 99 -3.56 10.08 -12.89
C ILE C 99 -3.46 9.51 -14.30
N GLU C 100 -2.36 9.78 -14.99
CA GLU C 100 -2.04 9.18 -16.28
C GLU C 100 -0.72 8.45 -16.07
N LYS C 101 -0.77 7.12 -16.02
CA LYS C 101 0.45 6.39 -15.68
C LYS C 101 1.44 6.32 -16.84
N SER C 102 1.00 6.57 -18.07
CA SER C 102 1.89 6.50 -19.21
C SER C 102 1.61 7.69 -20.13
N ALA C 103 1.95 8.89 -19.65
N ALA C 103 1.97 8.89 -19.67
CA ALA C 103 1.80 10.08 -20.47
CA ALA C 103 1.81 10.07 -20.51
C ALA C 103 2.74 9.99 -21.67
C ALA C 103 2.66 9.97 -21.77
N ASP D 12 -16.06 -15.81 12.60
CA ASP D 12 -14.63 -15.91 12.86
C ASP D 12 -13.83 -14.98 11.94
N PRO D 13 -12.83 -14.32 12.47
CA PRO D 13 -12.08 -13.35 11.67
C PRO D 13 -11.17 -14.01 10.66
N LYS D 14 -10.99 -13.31 9.54
CA LYS D 14 -9.96 -13.63 8.57
C LYS D 14 -8.64 -13.04 9.05
N VAL D 15 -7.59 -13.85 9.11
CA VAL D 15 -6.30 -13.44 9.65
C VAL D 15 -5.30 -13.43 8.51
N VAL D 16 -4.76 -12.25 8.20
CA VAL D 16 -3.86 -12.06 7.08
C VAL D 16 -2.48 -11.75 7.65
N THR D 17 -1.49 -12.56 7.29
CA THR D 17 -0.11 -12.33 7.71
C THR D 17 0.75 -12.07 6.48
N TYR D 18 1.51 -10.98 6.53
CA TYR D 18 2.54 -10.68 5.54
C TYR D 18 3.89 -11.06 6.14
N GLU D 19 4.75 -11.73 5.38
CA GLU D 19 6.14 -11.98 5.79
C GLU D 19 7.09 -11.44 4.73
N ILE D 20 8.19 -10.82 5.19
CA ILE D 20 9.30 -10.46 4.32
C ILE D 20 10.55 -11.12 4.89
N PHE D 21 11.35 -11.72 4.04
CA PHE D 21 12.43 -12.58 4.44
C PHE D 21 13.46 -12.65 3.31
N GLY D 22 14.59 -13.31 3.58
CA GLY D 22 15.51 -13.58 2.51
C GLY D 22 16.95 -13.60 2.95
N THR D 23 17.33 -12.56 3.68
CA THR D 23 18.70 -12.36 4.14
C THR D 23 18.61 -11.89 5.58
N PRO D 24 18.93 -12.75 6.55
CA PRO D 24 18.80 -12.36 7.96
C PRO D 24 19.60 -11.11 8.28
N GLY D 25 18.95 -10.17 8.98
CA GLY D 25 19.60 -8.93 9.36
C GLY D 25 19.61 -7.84 8.30
N ALA D 26 19.33 -8.18 7.04
CA ALA D 26 19.24 -7.15 6.01
C ALA D 26 18.17 -6.12 6.35
N VAL D 27 18.37 -4.91 5.86
CA VAL D 27 17.51 -3.76 6.14
C VAL D 27 16.73 -3.44 4.88
N VAL D 28 15.41 -3.27 5.02
CA VAL D 28 14.54 -3.08 3.87
C VAL D 28 13.53 -1.97 4.16
N ASP D 29 12.95 -1.42 3.10
CA ASP D 29 11.73 -0.62 3.19
C ASP D 29 10.57 -1.47 2.68
N ILE D 30 9.42 -1.34 3.33
CA ILE D 30 8.24 -2.16 3.07
C ILE D 30 7.03 -1.25 2.94
N ASN D 31 6.17 -1.53 1.95
CA ASN D 31 4.85 -0.94 1.88
C ASN D 31 3.84 -2.09 1.84
N TYR D 32 2.87 -2.06 2.74
CA TYR D 32 1.85 -3.11 2.79
C TYR D 32 0.48 -2.48 2.87
N LEU D 33 -0.50 -3.19 2.31
CA LEU D 33 -1.89 -2.76 2.40
C LEU D 33 -2.51 -3.32 3.69
N ASP D 34 -3.07 -2.43 4.50
CA ASP D 34 -3.82 -2.92 5.64
C ASP D 34 -5.23 -3.30 5.22
N LEU D 35 -6.01 -3.80 6.15
CA LEU D 35 -7.33 -4.33 5.81
C LEU D 35 -8.41 -3.25 5.80
N ASP D 36 -8.01 -1.99 5.93
CA ASP D 36 -8.83 -0.86 5.56
C ASP D 36 -8.45 -0.34 4.22
N ALA D 37 -7.63 -1.11 3.49
CA ALA D 37 -7.17 -0.78 2.15
C ALA D 37 -6.33 0.48 2.10
N ARG D 38 -5.59 0.77 3.18
CA ARG D 38 -4.70 1.92 3.15
C ARG D 38 -3.26 1.41 3.18
N THR D 39 -2.39 2.07 2.41
CA THR D 39 -1.01 1.69 2.31
C THR D 39 -0.24 2.19 3.52
N GLN D 40 0.46 1.27 4.18
CA GLN D 40 1.34 1.60 5.29
C GLN D 40 2.77 1.45 4.80
N ARG D 41 3.63 2.39 5.17
CA ARG D 41 5.02 2.40 4.70
C ARG D 41 5.95 2.50 5.90
N VAL D 42 6.78 1.49 6.09
CA VAL D 42 7.77 1.42 7.17
C VAL D 42 9.15 1.35 6.52
N ASN D 43 10.12 2.07 7.08
CA ASN D 43 11.44 2.19 6.50
C ASN D 43 12.47 1.62 7.46
N ASP D 44 13.57 1.12 6.90
CA ASP D 44 14.73 0.66 7.67
C ASP D 44 14.35 -0.41 8.69
N VAL D 45 13.63 -1.43 8.23
CA VAL D 45 13.34 -2.55 9.11
C VAL D 45 14.26 -3.71 8.74
N THR D 46 14.53 -4.55 9.73
CA THR D 46 15.45 -5.65 9.58
C THR D 46 14.68 -6.95 9.33
N LEU D 47 15.22 -7.79 8.45
CA LEU D 47 14.61 -9.08 8.17
C LEU D 47 14.99 -10.09 9.25
N PRO D 48 14.10 -11.05 9.55
CA PRO D 48 12.80 -11.16 8.87
C PRO D 48 11.77 -10.22 9.49
N TRP D 49 10.72 -9.90 8.73
CA TRP D 49 9.70 -8.98 9.20
C TRP D 49 8.33 -9.58 8.91
N SER D 50 7.35 -9.26 9.75
CA SER D 50 5.99 -9.68 9.48
C SER D 50 5.03 -8.73 10.16
N ILE D 51 3.78 -8.77 9.70
CA ILE D 51 2.68 -8.14 10.41
C ILE D 51 1.45 -9.00 10.18
N THR D 52 0.59 -9.07 11.18
CA THR D 52 -0.63 -9.84 11.09
C THR D 52 -1.81 -8.91 11.32
N LEU D 53 -2.84 -9.02 10.47
CA LEU D 53 -4.02 -8.17 10.50
C LEU D 53 -5.24 -9.06 10.43
N SER D 54 -6.40 -8.54 10.84
CA SER D 54 -7.60 -9.35 10.75
C SER D 54 -8.80 -8.49 10.41
N THR D 55 -9.83 -9.13 9.87
CA THR D 55 -11.06 -8.46 9.49
C THR D 55 -12.18 -9.48 9.57
N THR D 56 -13.40 -9.00 9.77
CA THR D 56 -14.54 -9.88 9.62
C THR D 56 -15.14 -9.83 8.22
N ALA D 57 -14.57 -9.03 7.31
CA ALA D 57 -15.00 -9.05 5.92
C ALA D 57 -14.66 -10.40 5.28
N PRO D 58 -15.57 -10.95 4.47
CA PRO D 58 -15.31 -12.26 3.85
C PRO D 58 -14.22 -12.23 2.79
N SER D 59 -13.94 -11.08 2.18
CA SER D 59 -12.83 -10.95 1.23
C SER D 59 -12.03 -9.71 1.51
N ALA D 60 -10.76 -9.74 1.09
CA ALA D 60 -9.86 -8.60 1.26
C ALA D 60 -8.82 -8.58 0.15
N LEU D 61 -8.42 -7.38 -0.24
CA LEU D 61 -7.24 -7.19 -1.06
C LEU D 61 -6.02 -7.16 -0.13
N ALA D 62 -5.00 -7.94 -0.48
CA ALA D 62 -3.73 -7.95 0.25
C ALA D 62 -2.60 -7.66 -0.73
N HIS D 63 -1.63 -6.86 -0.29
CA HIS D 63 -0.56 -6.44 -1.20
C HIS D 63 0.63 -5.95 -0.39
N ILE D 64 1.83 -6.38 -0.77
CA ILE D 64 3.05 -5.95 -0.08
C ILE D 64 4.19 -5.86 -1.08
N VAL D 65 5.02 -4.84 -0.91
CA VAL D 65 6.22 -4.67 -1.71
CA VAL D 65 6.21 -4.62 -1.71
C VAL D 65 7.35 -4.37 -0.75
N ALA D 66 8.54 -4.88 -1.08
CA ALA D 66 9.70 -4.66 -0.22
C ALA D 66 10.93 -4.53 -1.09
N GLN D 67 11.86 -3.66 -0.67
CA GLN D 67 13.11 -3.49 -1.36
C GLN D 67 14.20 -3.32 -0.33
N GLY D 68 15.32 -4.01 -0.54
CA GLY D 68 16.42 -3.90 0.40
C GLY D 68 17.78 -3.72 -0.22
N ASN D 69 18.80 -3.91 0.62
CA ASN D 69 20.22 -3.85 0.28
C ASN D 69 20.83 -5.20 -0.10
N ALA D 70 20.10 -6.30 0.04
CA ALA D 70 20.69 -7.61 -0.14
C ALA D 70 20.36 -8.21 -1.51
N ASP D 71 21.05 -9.31 -1.82
CA ASP D 71 20.96 -9.96 -3.13
C ASP D 71 19.69 -10.79 -3.33
N HIS D 72 18.97 -11.10 -2.26
CA HIS D 72 17.89 -12.07 -2.27
C HIS D 72 16.80 -11.61 -1.31
N ILE D 73 15.55 -11.64 -1.75
CA ILE D 73 14.44 -11.21 -0.90
C ILE D 73 13.18 -11.95 -1.34
N GLY D 74 12.27 -12.18 -0.38
CA GLY D 74 11.00 -12.82 -0.66
C GLY D 74 9.88 -12.25 0.18
N CYS D 75 8.64 -12.52 -0.27
CA CYS D 75 7.43 -12.18 0.49
C CYS D 75 6.47 -13.34 0.45
N ARG D 76 5.62 -13.42 1.47
CA ARG D 76 4.52 -14.36 1.52
C ARG D 76 3.28 -13.62 2.03
N ILE D 77 2.13 -13.99 1.49
CA ILE D 77 0.83 -13.60 2.04
C ILE D 77 0.17 -14.87 2.51
N ILE D 78 -0.13 -14.92 3.81
CA ILE D 78 -0.67 -16.10 4.49
C ILE D 78 -2.02 -15.75 5.08
N VAL D 79 -3.04 -16.53 4.76
CA VAL D 79 -4.41 -16.21 5.14
C VAL D 79 -5.00 -17.39 5.90
N ASP D 80 -5.33 -17.16 7.16
CA ASP D 80 -5.82 -18.20 8.05
C ASP D 80 -4.87 -19.39 8.08
N GLY D 81 -3.57 -19.09 8.05
CA GLY D 81 -2.56 -20.12 8.09
C GLY D 81 -2.25 -20.74 6.76
N GLU D 82 -3.02 -20.43 5.70
CA GLU D 82 -2.81 -21.01 4.39
C GLU D 82 -2.00 -20.05 3.50
N LEU D 83 -0.91 -20.55 2.93
CA LEU D 83 -0.07 -19.77 2.05
C LEU D 83 -0.83 -19.44 0.77
N ARG D 84 -0.97 -18.17 0.46
CA ARG D 84 -1.73 -17.82 -0.74
C ARG D 84 -0.82 -17.38 -1.89
N VAL D 85 0.25 -16.64 -1.58
CA VAL D 85 1.18 -16.11 -2.57
C VAL D 85 2.57 -16.14 -1.95
N GLU D 86 3.58 -16.54 -2.74
CA GLU D 86 4.98 -16.43 -2.36
C GLU D 86 5.76 -15.96 -3.58
N SER D 87 6.55 -14.90 -3.42
CA SER D 87 7.39 -14.37 -4.48
C SER D 87 8.81 -14.21 -3.96
N VAL D 88 9.79 -14.50 -4.79
CA VAL D 88 11.19 -14.26 -4.42
C VAL D 88 11.89 -13.59 -5.59
N SER D 89 12.92 -12.81 -5.28
CA SER D 89 13.75 -12.17 -6.29
C SER D 89 15.21 -12.25 -5.89
N THR D 90 16.08 -12.44 -6.89
CA THR D 90 17.54 -12.44 -6.71
C THR D 90 18.15 -11.45 -7.67
N GLY D 91 19.02 -10.59 -7.15
CA GLY D 91 19.63 -9.53 -7.92
C GLY D 91 20.13 -8.47 -6.99
N VAL D 92 20.92 -7.54 -7.55
CA VAL D 92 21.47 -6.47 -6.71
C VAL D 92 20.34 -5.61 -6.17
N ASN D 93 20.36 -5.35 -4.85
CA ASN D 93 19.29 -4.57 -4.19
C ASN D 93 17.92 -5.12 -4.55
N ALA D 94 17.75 -6.42 -4.32
CA ALA D 94 16.57 -7.14 -4.79
C ALA D 94 15.31 -6.52 -4.21
N GLN D 95 14.23 -6.57 -5.00
CA GLN D 95 12.93 -6.18 -4.50
C GLN D 95 11.90 -7.22 -4.90
N THR D 96 10.82 -7.28 -4.14
CA THR D 96 9.78 -8.24 -4.46
C THR D 96 8.42 -7.68 -4.11
N TYR D 97 7.38 -8.31 -4.68
CA TYR D 97 6.02 -8.00 -4.26
C TYR D 97 5.12 -9.23 -4.34
N CYS D 98 4.05 -9.16 -3.56
CA CYS D 98 3.03 -10.20 -3.46
C CYS D 98 1.67 -9.52 -3.46
N ILE D 99 0.72 -10.06 -4.21
CA ILE D 99 -0.63 -9.51 -4.24
C ILE D 99 -1.65 -10.64 -4.23
N GLU D 100 -2.69 -10.51 -3.42
CA GLU D 100 -3.78 -11.49 -3.44
C GLU D 100 -5.07 -10.69 -3.39
N LYS D 101 -5.76 -10.60 -4.53
CA LYS D 101 -6.95 -9.77 -4.63
C LYS D 101 -8.14 -10.38 -3.92
N SER D 102 -8.11 -11.67 -3.64
CA SER D 102 -9.21 -12.34 -2.97
C SER D 102 -8.72 -13.11 -1.74
N ALA D 103 -8.09 -12.39 -0.82
N ALA D 103 -8.10 -12.40 -0.81
CA ALA D 103 -7.72 -12.98 0.46
CA ALA D 103 -7.70 -13.00 0.46
C ALA D 103 -9.00 -13.31 1.24
C ALA D 103 -8.93 -13.41 1.28
N ASP E 12 19.65 -21.73 3.05
CA ASP E 12 18.53 -20.82 3.28
C ASP E 12 18.12 -20.81 4.75
N PRO E 13 17.73 -19.64 5.26
CA PRO E 13 17.22 -19.58 6.63
C PRO E 13 15.86 -20.23 6.77
N LYS E 14 15.65 -20.83 7.94
CA LYS E 14 14.33 -21.29 8.36
C LYS E 14 13.60 -20.10 8.96
N VAL E 15 12.43 -19.79 8.44
CA VAL E 15 11.62 -18.67 8.88
C VAL E 15 10.47 -19.22 9.71
N VAL E 16 10.36 -18.77 10.97
CA VAL E 16 9.34 -19.30 11.88
C VAL E 16 8.43 -18.17 12.28
N THR E 17 7.13 -18.33 12.07
CA THR E 17 6.17 -17.32 12.45
C THR E 17 5.16 -17.88 13.43
N TYR E 18 4.98 -17.16 14.55
CA TYR E 18 3.91 -17.38 15.51
C TYR E 18 2.76 -16.41 15.27
N GLU E 19 1.53 -16.90 15.32
CA GLU E 19 0.33 -16.06 15.26
C GLU E 19 -0.55 -16.33 16.47
N ILE E 20 -1.09 -15.26 17.05
CA ILE E 20 -2.12 -15.36 18.09
C ILE E 20 -3.30 -14.53 17.62
N PHE E 21 -4.48 -15.13 17.64
CA PHE E 21 -5.63 -14.54 16.97
C PHE E 21 -6.90 -15.02 17.67
N GLY E 22 -8.05 -14.50 17.22
CA GLY E 22 -9.30 -15.14 17.55
C GLY E 22 -10.43 -14.21 17.93
N THR E 23 -10.11 -13.11 18.61
CA THR E 23 -11.10 -12.13 19.08
C THR E 23 -10.46 -10.77 18.83
N PRO E 24 -10.82 -10.10 17.74
CA PRO E 24 -10.23 -8.80 17.44
C PRO E 24 -10.39 -7.83 18.61
N GLY E 25 -9.30 -7.18 19.01
CA GLY E 25 -9.34 -6.24 20.10
C GLY E 25 -9.12 -6.82 21.48
N ALA E 26 -9.27 -8.14 21.66
CA ALA E 26 -8.94 -8.73 22.95
C ALA E 26 -7.50 -8.41 23.32
N VAL E 27 -7.23 -8.35 24.61
CA VAL E 27 -5.91 -8.04 25.12
C VAL E 27 -5.40 -9.29 25.82
N VAL E 28 -4.15 -9.69 25.52
CA VAL E 28 -3.61 -10.97 25.97
C VAL E 28 -2.19 -10.79 26.46
N ASP E 29 -1.73 -11.77 27.24
CA ASP E 29 -0.33 -11.91 27.57
C ASP E 29 0.19 -13.11 26.81
N ILE E 30 1.44 -13.03 26.34
CA ILE E 30 2.02 -14.08 25.50
C ILE E 30 3.37 -14.49 26.07
N ASN E 31 3.66 -15.80 25.99
CA ASN E 31 4.97 -16.37 26.26
C ASN E 31 5.35 -17.26 25.08
N TYR E 32 6.47 -16.94 24.43
CA TYR E 32 6.92 -17.65 23.25
C TYR E 32 8.42 -17.94 23.33
N LEU E 33 8.84 -19.01 22.64
CA LEU E 33 10.24 -19.43 22.62
C LEU E 33 10.93 -18.85 21.39
N ASP E 34 11.97 -18.04 21.59
CA ASP E 34 12.71 -17.55 20.44
C ASP E 34 13.65 -18.63 19.92
N LEU E 35 14.32 -18.36 18.81
CA LEU E 35 15.05 -19.47 18.22
C LEU E 35 16.45 -19.63 18.80
N ASP E 36 16.75 -18.92 19.89
CA ASP E 36 17.85 -19.27 20.77
C ASP E 36 17.39 -20.16 21.93
N ALA E 37 16.11 -20.55 21.92
CA ALA E 37 15.47 -21.29 23.01
C ALA E 37 15.35 -20.44 24.27
N ARG E 38 15.29 -19.12 24.14
CA ARG E 38 15.02 -18.21 25.23
C ARG E 38 13.53 -17.89 25.29
N THR E 39 12.94 -17.99 26.48
CA THR E 39 11.54 -17.63 26.59
C THR E 39 11.39 -16.12 26.50
N GLN E 40 10.36 -15.67 25.82
CA GLN E 40 10.08 -14.25 25.70
C GLN E 40 8.66 -14.00 26.17
N ARG E 41 8.47 -12.90 26.88
CA ARG E 41 7.17 -12.56 27.42
C ARG E 41 6.75 -11.21 26.87
N VAL E 42 5.51 -11.13 26.40
CA VAL E 42 4.95 -9.87 25.93
C VAL E 42 3.61 -9.72 26.63
N ASN E 43 3.36 -8.54 27.22
CA ASN E 43 2.18 -8.33 28.05
C ASN E 43 1.25 -7.30 27.44
N ASP E 44 -0.04 -7.49 27.69
CA ASP E 44 -1.07 -6.51 27.33
C ASP E 44 -1.01 -6.18 25.84
N VAL E 45 -1.04 -7.23 25.03
CA VAL E 45 -1.02 -7.12 23.58
C VAL E 45 -2.44 -7.30 23.04
N THR E 46 -2.78 -6.53 22.02
CA THR E 46 -4.10 -6.59 21.38
CA THR E 46 -4.11 -6.63 21.43
C THR E 46 -4.06 -7.57 20.21
N LEU E 47 -5.11 -8.36 20.05
CA LEU E 47 -5.17 -9.33 18.96
C LEU E 47 -5.56 -8.64 17.65
N PRO E 48 -5.03 -9.06 16.50
CA PRO E 48 -4.13 -10.22 16.34
C PRO E 48 -2.67 -9.85 16.60
N TRP E 49 -1.84 -10.85 16.83
CA TRP E 49 -0.43 -10.62 17.15
C TRP E 49 0.39 -11.67 16.43
N SER E 50 1.61 -11.29 16.04
CA SER E 50 2.53 -12.26 15.46
C SER E 50 3.96 -11.77 15.67
N ILE E 51 4.89 -12.72 15.54
CA ILE E 51 6.31 -12.39 15.45
C ILE E 51 6.93 -13.42 14.51
N THR E 52 7.95 -12.98 13.80
CA THR E 52 8.63 -13.84 12.85
C THR E 52 10.09 -13.83 13.19
N LEU E 53 10.71 -15.01 13.23
CA LEU E 53 12.10 -15.20 13.62
C LEU E 53 12.74 -16.08 12.57
N SER E 54 14.06 -16.02 12.46
CA SER E 54 14.73 -16.93 11.53
C SER E 54 15.99 -17.49 12.17
N THR E 55 16.44 -18.62 11.63
CA THR E 55 17.61 -19.32 12.12
C THR E 55 18.22 -20.09 10.96
N THR E 56 19.52 -20.38 11.04
CA THR E 56 20.16 -21.28 10.10
C THR E 56 20.34 -22.67 10.68
N ALA E 57 19.93 -22.88 11.93
CA ALA E 57 19.89 -24.23 12.46
C ALA E 57 18.98 -25.11 11.61
N PRO E 58 19.31 -26.39 11.47
CA PRO E 58 18.47 -27.28 10.66
C PRO E 58 17.11 -27.54 11.29
N SER E 59 17.00 -27.40 12.60
CA SER E 59 15.74 -27.57 13.30
CA SER E 59 15.73 -27.57 13.29
C SER E 59 15.69 -26.64 14.50
N ALA E 60 14.49 -26.44 15.02
CA ALA E 60 14.31 -25.57 16.16
C ALA E 60 13.07 -26.03 16.90
N LEU E 61 13.06 -25.79 18.21
CA LEU E 61 11.89 -26.01 19.04
C LEU E 61 11.11 -24.71 19.05
N ALA E 62 9.79 -24.82 18.92
CA ALA E 62 8.92 -23.65 18.87
C ALA E 62 7.71 -23.88 19.75
N HIS E 63 7.41 -22.93 20.63
CA HIS E 63 6.19 -23.04 21.41
C HIS E 63 5.76 -21.66 21.84
N ILE E 64 4.46 -21.52 22.02
CA ILE E 64 3.83 -20.26 22.40
C ILE E 64 2.60 -20.58 23.21
N VAL E 65 2.36 -19.76 24.23
CA VAL E 65 1.16 -19.83 25.03
C VAL E 65 0.60 -18.41 25.12
N ALA E 66 -0.72 -18.29 25.10
CA ALA E 66 -1.29 -16.96 25.24
C ALA E 66 -2.58 -17.07 26.03
N GLN E 67 -2.93 -15.97 26.71
CA GLN E 67 -4.18 -15.91 27.46
C GLN E 67 -4.53 -14.44 27.66
N GLY E 68 -5.79 -14.14 27.62
CA GLY E 68 -6.23 -12.79 27.91
C GLY E 68 -7.67 -12.71 28.35
N ASN E 69 -8.33 -11.63 27.94
CA ASN E 69 -9.76 -11.47 28.19
C ASN E 69 -10.61 -12.00 27.06
N ALA E 70 -9.99 -12.59 26.04
CA ALA E 70 -10.73 -13.19 24.94
C ALA E 70 -11.50 -14.43 25.39
N ASP E 71 -12.71 -14.58 24.85
CA ASP E 71 -13.59 -15.75 24.87
C ASP E 71 -13.20 -16.82 23.84
N HIS E 72 -12.46 -16.43 22.82
CA HIS E 72 -12.10 -17.28 21.69
C HIS E 72 -10.69 -16.92 21.28
N ILE E 73 -9.79 -17.89 21.25
CA ILE E 73 -8.38 -17.59 21.07
C ILE E 73 -7.72 -18.77 20.37
N GLY E 74 -6.72 -18.46 19.54
CA GLY E 74 -6.05 -19.47 18.74
C GLY E 74 -4.61 -19.09 18.48
N CYS E 75 -3.81 -20.10 18.14
CA CYS E 75 -2.40 -19.91 17.83
C CYS E 75 -2.04 -20.76 16.62
N ARG E 76 -1.02 -20.30 15.89
CA ARG E 76 -0.45 -21.07 14.79
C ARG E 76 1.06 -20.93 14.81
N ILE E 77 1.72 -22.00 14.36
CA ILE E 77 3.16 -22.01 14.11
C ILE E 77 3.34 -22.33 12.64
N ILE E 78 3.90 -21.38 11.90
CA ILE E 78 4.11 -21.46 10.47
C ILE E 78 5.60 -21.46 10.19
N VAL E 79 6.07 -22.44 9.42
CA VAL E 79 7.49 -22.58 9.13
C VAL E 79 7.69 -22.56 7.62
N ASP E 80 8.47 -21.61 7.14
CA ASP E 80 8.72 -21.40 5.72
C ASP E 80 7.41 -21.37 4.94
N GLY E 81 6.40 -20.71 5.51
CA GLY E 81 5.09 -20.57 4.92
C GLY E 81 4.15 -21.73 5.12
N GLU E 82 4.59 -22.82 5.75
CA GLU E 82 3.79 -24.04 5.86
C GLU E 82 3.23 -24.14 7.27
N LEU E 83 1.91 -24.27 7.38
CA LEU E 83 1.27 -24.40 8.68
C LEU E 83 1.72 -25.71 9.31
N ARG E 84 2.31 -25.64 10.50
CA ARG E 84 2.76 -26.83 11.22
C ARG E 84 1.81 -27.24 12.34
N VAL E 85 1.40 -26.27 13.15
CA VAL E 85 0.50 -26.49 14.27
C VAL E 85 -0.51 -25.36 14.31
N GLU E 86 -1.77 -25.70 14.57
CA GLU E 86 -2.86 -24.76 14.83
C GLU E 86 -3.64 -25.24 16.04
N SER E 87 -3.94 -24.34 16.99
CA SER E 87 -4.81 -24.70 18.10
CA SER E 87 -4.80 -24.68 18.12
C SER E 87 -5.79 -23.55 18.37
N VAL E 88 -7.03 -23.90 18.70
CA VAL E 88 -8.05 -22.91 19.01
C VAL E 88 -8.82 -23.36 20.25
N SER E 89 -9.20 -22.40 21.10
CA SER E 89 -9.94 -22.68 22.32
CA SER E 89 -9.97 -22.69 22.29
C SER E 89 -11.08 -21.67 22.46
N THR E 90 -12.21 -22.15 22.97
CA THR E 90 -13.36 -21.32 23.31
C THR E 90 -13.69 -21.54 24.77
N GLY E 91 -13.77 -20.45 25.51
CA GLY E 91 -14.14 -20.45 26.91
C GLY E 91 -13.81 -19.11 27.51
N VAL E 92 -14.31 -18.89 28.72
CA VAL E 92 -14.12 -17.60 29.38
C VAL E 92 -12.63 -17.39 29.62
N ASN E 93 -12.09 -16.29 29.10
CA ASN E 93 -10.67 -15.97 29.27
C ASN E 93 -9.80 -17.15 28.83
N ALA E 94 -10.11 -17.66 27.65
CA ALA E 94 -9.48 -18.88 27.17
C ALA E 94 -7.97 -18.71 27.02
N GLN E 95 -7.25 -19.81 27.22
CA GLN E 95 -5.82 -19.91 27.00
C GLN E 95 -5.56 -20.76 25.76
N THR E 96 -4.48 -20.47 25.04
CA THR E 96 -4.15 -21.26 23.87
C THR E 96 -2.66 -21.59 23.91
N TYR E 97 -2.29 -22.68 23.25
CA TYR E 97 -0.88 -22.98 23.12
C TYR E 97 -0.59 -23.96 21.99
N CYS E 98 0.60 -23.80 21.41
CA CYS E 98 1.06 -24.47 20.20
C CYS E 98 2.50 -24.87 20.48
N ILE E 99 2.87 -26.09 20.17
CA ILE E 99 4.26 -26.49 20.27
C ILE E 99 4.62 -27.30 19.04
N GLU E 100 5.76 -27.00 18.44
CA GLU E 100 6.32 -27.77 17.33
CA GLU E 100 6.32 -27.77 17.33
C GLU E 100 7.74 -28.14 17.71
N LYS E 101 7.96 -29.43 17.98
CA LYS E 101 9.26 -29.82 18.49
C LYS E 101 10.34 -29.90 17.43
N SER E 102 9.99 -29.96 16.14
CA SER E 102 10.99 -29.97 15.06
CA SER E 102 10.97 -29.99 15.05
C SER E 102 10.52 -29.01 13.96
N ALA E 103 10.66 -27.72 14.24
N ALA E 103 10.72 -27.73 14.22
CA ALA E 103 10.27 -26.66 13.31
CA ALA E 103 10.45 -26.68 13.25
C ALA E 103 11.02 -26.83 12.00
C ALA E 103 11.48 -26.73 12.11
N ASP F 12 31.21 -3.54 -28.64
CA ASP F 12 29.98 -4.14 -29.17
C ASP F 12 28.75 -3.54 -28.46
N PRO F 13 27.58 -3.52 -29.11
CA PRO F 13 26.37 -3.14 -28.37
C PRO F 13 26.07 -4.09 -27.21
N LYS F 14 25.39 -3.54 -26.21
CA LYS F 14 24.89 -4.30 -25.07
C LYS F 14 23.61 -5.03 -25.48
N VAL F 15 23.52 -6.31 -25.16
CA VAL F 15 22.37 -7.13 -25.54
C VAL F 15 21.57 -7.41 -24.28
N VAL F 16 20.29 -7.05 -24.30
CA VAL F 16 19.41 -7.21 -23.15
C VAL F 16 18.27 -8.12 -23.54
N THR F 17 18.10 -9.20 -22.80
CA THR F 17 17.04 -10.18 -23.08
C THR F 17 16.10 -10.28 -21.88
N TYR F 18 14.81 -10.07 -22.14
CA TYR F 18 13.76 -10.32 -21.18
C TYR F 18 13.22 -11.73 -21.42
N GLU F 19 13.01 -12.49 -20.34
CA GLU F 19 12.50 -13.86 -20.40
C GLU F 19 11.34 -13.99 -19.40
N ILE F 20 10.21 -14.54 -19.86
CA ILE F 20 9.06 -14.83 -19.01
C ILE F 20 8.72 -16.30 -19.15
N PHE F 21 8.51 -16.98 -18.02
CA PHE F 21 8.41 -18.43 -18.00
C PHE F 21 7.60 -18.84 -16.80
N GLY F 22 7.40 -20.16 -16.66
CA GLY F 22 6.97 -20.69 -15.37
C GLY F 22 5.93 -21.80 -15.47
N THR F 23 4.99 -21.64 -16.39
CA THR F 23 3.94 -22.63 -16.62
C THR F 23 3.77 -22.77 -18.12
N PRO F 24 4.16 -23.90 -18.72
CA PRO F 24 4.11 -24.02 -20.18
C PRO F 24 2.68 -23.93 -20.68
N GLY F 25 2.47 -23.08 -21.70
CA GLY F 25 1.14 -22.87 -22.26
C GLY F 25 0.28 -21.91 -21.48
N ALA F 26 0.73 -21.42 -20.33
CA ALA F 26 0.02 -20.33 -19.68
C ALA F 26 0.01 -19.13 -20.61
N VAL F 27 -1.02 -18.29 -20.46
CA VAL F 27 -1.21 -17.11 -21.28
C VAL F 27 -1.06 -15.89 -20.38
N VAL F 28 -0.31 -14.89 -20.84
CA VAL F 28 0.06 -13.75 -19.99
C VAL F 28 -0.03 -12.47 -20.81
N ASP F 29 -0.18 -11.35 -20.10
CA ASP F 29 0.01 -10.02 -20.66
C ASP F 29 1.33 -9.48 -20.12
N ILE F 30 2.08 -8.80 -20.97
CA ILE F 30 3.43 -8.36 -20.65
C ILE F 30 3.57 -6.86 -20.94
N ASN F 31 4.23 -6.14 -20.03
CA ASN F 31 4.72 -4.78 -20.25
C ASN F 31 6.21 -4.77 -20.01
N TYR F 32 6.98 -4.31 -20.99
CA TYR F 32 8.43 -4.22 -20.84
C TYR F 32 8.89 -2.85 -21.34
N LEU F 33 10.04 -2.41 -20.83
CA LEU F 33 10.68 -1.18 -21.25
C LEU F 33 11.67 -1.48 -22.36
N ASP F 34 11.55 -0.80 -23.49
CA ASP F 34 12.60 -0.99 -24.48
C ASP F 34 13.80 -0.10 -24.12
N LEU F 35 14.85 -0.17 -24.92
CA LEU F 35 16.09 0.52 -24.59
C LEU F 35 16.10 1.97 -25.07
N ASP F 36 14.97 2.47 -25.54
CA ASP F 36 14.74 3.90 -25.67
C ASP F 36 13.94 4.44 -24.51
N ALA F 37 13.65 3.60 -23.51
CA ALA F 37 12.84 3.94 -22.34
C ALA F 37 11.37 4.14 -22.71
N ARG F 38 10.93 3.46 -23.76
CA ARG F 38 9.54 3.44 -24.21
C ARG F 38 8.87 2.14 -23.76
N THR F 39 7.73 2.26 -23.09
CA THR F 39 7.01 1.08 -22.64
C THR F 39 6.33 0.38 -23.81
N GLN F 40 6.47 -0.95 -23.87
CA GLN F 40 5.86 -1.78 -24.88
C GLN F 40 4.94 -2.80 -24.21
N ARG F 41 3.79 -3.06 -24.81
CA ARG F 41 2.82 -4.01 -24.25
C ARG F 41 2.56 -5.12 -25.24
N VAL F 42 2.55 -6.36 -24.74
CA VAL F 42 2.27 -7.55 -25.55
C VAL F 42 1.21 -8.36 -24.81
N ASN F 43 0.10 -8.65 -25.48
CA ASN F 43 -1.00 -9.37 -24.83
C ASN F 43 -1.17 -10.76 -25.43
N ASP F 44 -1.76 -11.66 -24.64
CA ASP F 44 -2.08 -13.02 -25.10
C ASP F 44 -0.85 -13.75 -25.60
N VAL F 45 0.20 -13.68 -24.85
CA VAL F 45 1.43 -14.42 -25.08
C VAL F 45 1.34 -15.78 -24.43
N THR F 46 1.76 -16.82 -25.13
CA THR F 46 1.89 -18.15 -24.56
C THR F 46 3.30 -18.35 -23.99
N LEU F 47 3.41 -18.84 -22.75
CA LEU F 47 4.71 -19.06 -22.15
C LEU F 47 5.37 -20.32 -22.71
N PRO F 48 6.71 -20.34 -22.81
CA PRO F 48 7.59 -19.24 -22.42
C PRO F 48 7.77 -18.23 -23.54
N TRP F 49 8.39 -17.10 -23.21
CA TRP F 49 8.49 -15.97 -24.12
C TRP F 49 9.79 -15.21 -23.83
N SER F 50 10.40 -14.65 -24.88
CA SER F 50 11.49 -13.72 -24.67
C SER F 50 11.46 -12.63 -25.73
N ILE F 51 12.13 -11.54 -25.42
CA ILE F 51 12.47 -10.57 -26.44
C ILE F 51 13.88 -10.10 -26.14
N THR F 52 14.62 -9.76 -27.20
CA THR F 52 16.00 -9.31 -27.07
C THR F 52 16.17 -7.96 -27.76
N LEU F 53 16.88 -7.03 -27.11
CA LEU F 53 17.07 -5.67 -27.57
C LEU F 53 18.55 -5.32 -27.44
N SER F 54 19.03 -4.32 -28.19
CA SER F 54 20.42 -3.94 -27.97
C SER F 54 20.57 -2.43 -28.01
N THR F 55 21.65 -1.96 -27.38
CA THR F 55 21.92 -0.54 -27.34
C THR F 55 23.42 -0.30 -27.29
N THR F 56 23.83 0.88 -27.77
CA THR F 56 25.21 1.35 -27.64
C THR F 56 25.38 2.29 -26.44
N ALA F 57 24.30 2.59 -25.71
CA ALA F 57 24.45 3.30 -24.45
C ALA F 57 25.25 2.46 -23.47
N PRO F 58 26.14 3.06 -22.67
CA PRO F 58 26.87 2.27 -21.68
C PRO F 58 25.99 1.65 -20.62
N SER F 59 24.78 2.17 -20.43
CA SER F 59 23.90 1.68 -19.39
C SER F 59 22.46 1.89 -19.82
N ALA F 60 21.56 1.09 -19.26
CA ALA F 60 20.15 1.21 -19.61
C ALA F 60 19.31 0.70 -18.46
N LEU F 61 18.10 1.24 -18.35
CA LEU F 61 17.09 0.72 -17.45
C LEU F 61 16.29 -0.36 -18.17
N ALA F 62 16.11 -1.49 -17.50
CA ALA F 62 15.39 -2.65 -18.02
C ALA F 62 14.36 -3.04 -16.98
N HIS F 63 13.11 -3.20 -17.40
N HIS F 63 13.13 -3.31 -17.43
CA HIS F 63 12.13 -3.71 -16.46
CA HIS F 63 12.04 -3.56 -16.49
C HIS F 63 10.98 -4.32 -17.24
C HIS F 63 10.93 -4.28 -17.25
N ILE F 64 10.37 -5.31 -16.62
CA ILE F 64 9.31 -6.06 -17.26
C ILE F 64 8.33 -6.55 -16.19
N VAL F 65 7.06 -6.55 -16.53
CA VAL F 65 6.04 -7.08 -15.65
C VAL F 65 5.19 -8.03 -16.46
N ALA F 66 4.77 -9.12 -15.83
CA ALA F 66 3.96 -10.11 -16.51
C ALA F 66 2.87 -10.62 -15.58
N GLN F 67 1.67 -10.78 -16.11
CA GLN F 67 0.50 -11.20 -15.36
CA GLN F 67 0.50 -11.20 -15.37
C GLN F 67 -0.22 -12.26 -16.18
N GLY F 68 -0.42 -13.43 -15.60
CA GLY F 68 -1.04 -14.49 -16.35
C GLY F 68 -2.18 -15.22 -15.69
N ASN F 69 -2.55 -16.35 -16.29
CA ASN F 69 -3.61 -17.21 -15.79
C ASN F 69 -3.07 -18.48 -15.13
N ALA F 70 -1.80 -18.55 -14.81
CA ALA F 70 -1.31 -19.78 -14.20
C ALA F 70 -0.87 -19.55 -12.77
N ASP F 71 -0.49 -20.65 -12.11
CA ASP F 71 -0.11 -20.66 -10.70
C ASP F 71 1.36 -20.35 -10.47
N HIS F 72 2.20 -20.35 -11.51
CA HIS F 72 3.63 -20.14 -11.34
C HIS F 72 4.17 -19.33 -12.51
N ILE F 73 4.92 -18.27 -12.22
CA ILE F 73 5.46 -17.41 -13.27
C ILE F 73 6.78 -16.85 -12.79
N GLY F 74 7.61 -16.45 -13.74
CA GLY F 74 8.93 -15.95 -13.40
C GLY F 74 9.47 -15.12 -14.55
N CYS F 75 10.42 -14.24 -14.22
CA CYS F 75 11.04 -13.37 -15.20
C CYS F 75 12.54 -13.35 -14.97
N ARG F 76 13.29 -13.14 -16.05
CA ARG F 76 14.72 -12.91 -15.97
C ARG F 76 15.07 -11.73 -16.86
N ILE F 77 16.06 -10.97 -16.40
CA ILE F 77 16.75 -9.99 -17.25
C ILE F 77 18.18 -10.47 -17.42
N ILE F 78 18.56 -10.74 -18.67
CA ILE F 78 19.87 -11.26 -19.03
C ILE F 78 20.55 -10.22 -19.90
N VAL F 79 21.78 -9.85 -19.55
CA VAL F 79 22.51 -8.78 -20.23
C VAL F 79 23.85 -9.34 -20.66
N ASP F 80 24.13 -9.27 -21.96
CA ASP F 80 25.30 -9.91 -22.57
C ASP F 80 25.50 -11.33 -22.03
N GLY F 81 24.40 -12.09 -22.02
CA GLY F 81 24.46 -13.47 -21.60
C GLY F 81 24.58 -13.70 -20.11
N GLU F 82 24.67 -12.64 -19.30
CA GLU F 82 24.82 -12.76 -17.86
C GLU F 82 23.49 -12.45 -17.17
N LEU F 83 23.03 -13.38 -16.34
CA LEU F 83 21.80 -13.21 -15.59
C LEU F 83 21.97 -12.09 -14.56
N ARG F 84 21.15 -11.04 -14.67
CA ARG F 84 21.23 -9.92 -13.74
C ARG F 84 20.16 -9.99 -12.65
N VAL F 85 18.94 -10.41 -12.98
CA VAL F 85 17.87 -10.47 -11.98
C VAL F 85 16.89 -11.57 -12.38
N GLU F 86 16.38 -12.26 -11.36
CA GLU F 86 15.39 -13.32 -11.55
C GLU F 86 14.34 -13.21 -10.45
N SER F 87 13.05 -13.20 -10.83
CA SER F 87 11.96 -13.16 -9.88
C SER F 87 10.96 -14.25 -10.22
N VAL F 88 10.35 -14.86 -9.20
CA VAL F 88 9.39 -15.93 -9.43
C VAL F 88 8.25 -15.73 -8.44
N SER F 89 7.05 -16.10 -8.86
CA SER F 89 5.92 -15.99 -7.96
C SER F 89 5.01 -17.20 -8.13
N THR F 90 4.44 -17.65 -7.01
CA THR F 90 3.48 -18.75 -6.96
C THR F 90 2.20 -18.26 -6.30
N GLY F 91 1.09 -18.39 -7.01
CA GLY F 91 -0.21 -18.01 -6.51
C GLY F 91 -1.19 -18.07 -7.65
N VAL F 92 -2.48 -17.98 -7.30
CA VAL F 92 -3.50 -17.99 -8.33
C VAL F 92 -3.32 -16.76 -9.22
N ASN F 93 -3.33 -16.97 -10.55
CA ASN F 93 -3.11 -15.90 -11.53
C ASN F 93 -1.84 -15.11 -11.22
N ALA F 94 -0.75 -15.85 -11.02
CA ALA F 94 0.51 -15.29 -10.57
C ALA F 94 1.00 -14.17 -11.49
N GLN F 95 1.65 -13.19 -10.89
CA GLN F 95 2.32 -12.13 -11.63
C GLN F 95 3.70 -11.89 -11.04
N THR F 96 4.58 -11.28 -11.82
CA THR F 96 5.95 -11.07 -11.35
C THR F 96 6.50 -9.85 -12.06
N TYR F 97 7.62 -9.32 -11.54
CA TYR F 97 8.33 -8.31 -12.30
C TYR F 97 9.80 -8.37 -11.95
N CYS F 98 10.60 -7.82 -12.86
CA CYS F 98 12.04 -7.74 -12.76
C CYS F 98 12.43 -6.33 -13.15
N ILE F 99 13.34 -5.73 -12.40
CA ILE F 99 13.92 -4.44 -12.77
C ILE F 99 15.43 -4.52 -12.60
N GLU F 100 16.16 -3.91 -13.52
CA GLU F 100 17.61 -3.81 -13.48
C GLU F 100 17.93 -2.39 -13.88
N LYS F 101 18.25 -1.56 -12.89
CA LYS F 101 18.42 -0.14 -13.14
C LYS F 101 19.68 0.17 -13.91
N SER F 102 20.69 -0.67 -13.86
CA SER F 102 21.95 -0.37 -14.53
C SER F 102 22.35 -1.56 -15.40
N ALA F 103 21.54 -1.85 -16.42
N ALA F 103 21.56 -1.83 -16.43
CA ALA F 103 21.87 -2.90 -17.37
CA ALA F 103 21.89 -2.90 -17.39
C ALA F 103 23.17 -2.57 -18.10
C ALA F 103 23.14 -2.54 -18.19
#